data_3T78
#
_entry.id   3T78
#
_cell.length_a   46.243
_cell.length_b   53.328
_cell.length_c   87.406
_cell.angle_alpha   90.00
_cell.angle_beta   90.00
_cell.angle_gamma   90.00
#
_symmetry.space_group_name_H-M   'P 21 21 21'
#
loop_
_entity.id
_entity.type
_entity.pdbx_description
1 polymer 'Indole-3-glycerol phosphate synthase'
2 non-polymer '2-amino-5-fluorobenzoic acid'
3 non-polymer 'MALONATE ION'
4 non-polymer 'ACETATE ION'
5 water water
#
_entity_poly.entity_id   1
_entity_poly.type   'polypeptide(L)'
_entity_poly.pdbx_seq_one_letter_code
;MSPATVLDSILEGVRADVAAREASVSLSEIKAAAAAAPPPLDVMAALREPGIGVIAEVKRASPSAGALATIADPAKLAQA
YQDGGARIVSVVTEQRRFQGSLDDLDAVRASVSIPVLRKDFVVQPYQIHEARAHGADMLLLIVAALEQSVLVSMLDRTES
LGMTALVEVHTEQEADRALKAGAKVIGVNARDLMTLDVDRDCFARIAPGLPSSVIRIAESGVRGTADLLAYAGAGADAVL
VGEGLVTSGDPRAAVADLVTAGTHPSCPKPAR
;
_entity_poly.pdbx_strand_id   A
#
# COMPACT_ATOMS: atom_id res chain seq x y z
N THR A 5 -21.13 1.08 -6.63
CA THR A 5 -20.25 2.19 -6.28
C THR A 5 -19.00 2.19 -7.15
N VAL A 6 -18.21 3.25 -7.05
CA VAL A 6 -16.94 3.32 -7.78
C VAL A 6 -16.05 2.15 -7.38
N LEU A 7 -16.00 1.87 -6.08
CA LEU A 7 -15.23 0.74 -5.58
C LEU A 7 -15.73 -0.57 -6.17
N ASP A 8 -17.06 -0.71 -6.24
CA ASP A 8 -17.68 -1.91 -6.81
C ASP A 8 -17.21 -2.15 -8.23
N SER A 9 -17.20 -1.09 -9.04
CA SER A 9 -16.78 -1.20 -10.43
C SER A 9 -15.34 -1.66 -10.52
N ILE A 10 -14.49 -1.13 -9.64
CA ILE A 10 -13.08 -1.51 -9.61
C ILE A 10 -12.93 -2.98 -9.26
N LEU A 11 -13.63 -3.43 -8.23
CA LEU A 11 -13.57 -4.82 -7.79
C LEU A 11 -14.03 -5.81 -8.88
N GLU A 12 -15.08 -5.45 -9.61
CA GLU A 12 -15.57 -6.29 -10.68
C GLU A 12 -14.48 -6.51 -11.72
N GLY A 13 -13.77 -5.44 -12.07
CA GLY A 13 -12.68 -5.53 -13.02
C GLY A 13 -11.55 -6.36 -12.45
N VAL A 14 -11.25 -6.14 -11.18
CA VAL A 14 -10.18 -6.86 -10.51
C VAL A 14 -10.44 -8.36 -10.51
N ARG A 15 -11.66 -8.76 -10.16
CA ARG A 15 -11.98 -10.18 -10.09
CA ARG A 15 -11.98 -10.18 -10.09
C ARG A 15 -11.81 -10.87 -11.44
N ALA A 16 -12.19 -10.18 -12.51
CA ALA A 16 -12.02 -10.71 -13.86
C ALA A 16 -10.55 -10.81 -14.24
N ASP A 17 -9.79 -9.76 -13.93
CA ASP A 17 -8.36 -9.77 -14.24
C ASP A 17 -7.60 -10.86 -13.47
N VAL A 18 -7.95 -11.03 -12.20
CA VAL A 18 -7.35 -12.09 -11.40
C VAL A 18 -7.67 -13.46 -11.98
N ALA A 19 -8.93 -13.67 -12.35
CA ALA A 19 -9.35 -14.95 -12.91
C ALA A 19 -8.59 -15.26 -14.21
N ALA A 20 -8.40 -14.26 -15.07
CA ALA A 20 -7.66 -14.47 -16.31
C ALA A 20 -6.18 -14.78 -16.05
N ARG A 21 -5.58 -14.10 -15.07
CA ARG A 21 -4.20 -14.42 -14.70
C ARG A 21 -4.10 -15.85 -14.18
N GLU A 22 -5.07 -16.26 -13.37
CA GLU A 22 -5.06 -17.60 -12.78
C GLU A 22 -5.20 -18.70 -13.83
N ALA A 23 -5.89 -18.40 -14.92
CA ALA A 23 -6.03 -19.35 -16.01
C ALA A 23 -4.69 -19.68 -16.67
N SER A 24 -3.75 -18.75 -16.62
CA SER A 24 -2.43 -18.94 -17.23
CA SER A 24 -2.44 -18.97 -17.24
C SER A 24 -1.35 -19.28 -16.21
N VAL A 25 -1.56 -18.85 -14.96
CA VAL A 25 -0.64 -19.16 -13.87
C VAL A 25 -1.49 -19.70 -12.73
N SER A 26 -1.50 -21.02 -12.58
CA SER A 26 -2.40 -21.67 -11.64
C SER A 26 -2.15 -21.30 -10.18
N LEU A 27 -3.14 -21.56 -9.34
CA LEU A 27 -2.97 -21.33 -7.91
C LEU A 27 -1.82 -22.18 -7.36
N SER A 28 -1.71 -23.42 -7.84
CA SER A 28 -0.61 -24.27 -7.38
C SER A 28 0.74 -23.67 -7.77
N GLU A 29 0.84 -23.17 -9.00
CA GLU A 29 2.08 -22.56 -9.46
C GLU A 29 2.43 -21.31 -8.68
N ILE A 30 1.44 -20.47 -8.40
CA ILE A 30 1.71 -19.21 -7.71
C ILE A 30 2.04 -19.47 -6.24
N LYS A 31 1.42 -20.49 -5.65
CA LYS A 31 1.76 -20.90 -4.30
C LYS A 31 3.19 -21.41 -4.23
N ALA A 32 3.62 -22.15 -5.24
CA ALA A 32 4.99 -22.66 -5.26
C ALA A 32 5.97 -21.50 -5.43
N ALA A 33 5.62 -20.55 -6.30
CA ALA A 33 6.47 -19.39 -6.52
C ALA A 33 6.62 -18.58 -5.23
N ALA A 34 5.53 -18.43 -4.49
CA ALA A 34 5.57 -17.67 -3.25
C ALA A 34 6.47 -18.37 -2.23
N ALA A 35 6.35 -19.69 -2.15
CA ALA A 35 7.12 -20.46 -1.18
C ALA A 35 8.60 -20.43 -1.52
N ALA A 36 8.91 -20.27 -2.80
CA ALA A 36 10.31 -20.30 -3.26
C ALA A 36 10.96 -18.93 -3.16
N ALA A 37 10.16 -17.89 -3.01
CA ALA A 37 10.68 -16.53 -2.95
C ALA A 37 11.44 -16.29 -1.65
N PRO A 38 12.46 -15.43 -1.71
CA PRO A 38 13.18 -15.03 -0.50
C PRO A 38 12.19 -14.46 0.51
N PRO A 39 12.37 -14.78 1.79
CA PRO A 39 11.45 -14.36 2.84
C PRO A 39 11.21 -12.85 2.80
N PRO A 40 10.00 -12.42 3.18
CA PRO A 40 9.72 -10.98 3.19
C PRO A 40 10.52 -10.26 4.26
N LEU A 41 10.81 -8.98 4.01
CA LEU A 41 11.48 -8.14 4.99
CA LEU A 41 11.48 -8.14 4.99
C LEU A 41 10.57 -7.85 6.18
N ASP A 42 11.19 -7.58 7.31
CA ASP A 42 10.48 -7.25 8.55
C ASP A 42 9.90 -5.84 8.47
N VAL A 43 8.68 -5.74 7.93
CA VAL A 43 8.03 -4.46 7.73
C VAL A 43 7.75 -3.71 9.04
N MET A 44 7.38 -4.45 10.08
CA MET A 44 7.11 -3.82 11.37
C MET A 44 8.35 -3.11 11.92
N ALA A 45 9.51 -3.77 11.82
CA ALA A 45 10.76 -3.17 12.25
C ALA A 45 11.05 -1.88 11.47
N ALA A 46 10.79 -1.90 10.17
CA ALA A 46 10.97 -0.71 9.36
C ALA A 46 10.05 0.42 9.86
N LEU A 47 8.80 0.09 10.12
CA LEU A 47 7.81 1.09 10.57
C LEU A 47 8.12 1.64 11.95
N ARG A 48 8.92 0.93 12.73
CA ARG A 48 9.25 1.35 14.09
CA ARG A 48 9.23 1.38 14.09
C ARG A 48 10.53 2.17 14.18
N GLU A 49 11.19 2.38 13.04
CA GLU A 49 12.39 3.21 13.00
C GLU A 49 12.04 4.64 13.40
N PRO A 50 12.98 5.34 14.01
CA PRO A 50 12.74 6.73 14.44
C PRO A 50 12.33 7.62 13.27
N GLY A 51 11.47 8.59 13.55
CA GLY A 51 11.05 9.54 12.54
C GLY A 51 9.81 9.08 11.81
N ILE A 52 9.08 10.01 11.22
CA ILE A 52 7.88 9.69 10.48
C ILE A 52 8.27 9.03 9.17
N GLY A 53 7.87 7.79 8.99
CA GLY A 53 8.23 7.06 7.79
C GLY A 53 7.50 7.57 6.57
N VAL A 54 8.21 7.70 5.46
CA VAL A 54 7.58 8.08 4.20
C VAL A 54 7.45 6.85 3.31
N ILE A 55 6.21 6.49 3.00
CA ILE A 55 5.93 5.41 2.07
C ILE A 55 5.69 6.03 0.70
N ALA A 56 6.67 5.93 -0.18
CA ALA A 56 6.63 6.61 -1.46
C ALA A 56 6.03 5.69 -2.52
N GLU A 57 5.08 6.20 -3.28
CA GLU A 57 4.29 5.33 -4.15
C GLU A 57 4.53 5.51 -5.64
N VAL A 58 4.57 4.37 -6.33
CA VAL A 58 4.62 4.31 -7.79
C VAL A 58 3.20 4.12 -8.30
N LYS A 59 2.70 5.14 -9.00
CA LYS A 59 1.32 5.19 -9.46
C LYS A 59 1.24 6.07 -10.70
N ARG A 60 0.76 5.51 -11.81
CA ARG A 60 0.70 6.21 -13.09
C ARG A 60 -0.55 7.05 -13.27
N ALA A 61 -1.62 6.67 -12.59
CA ALA A 61 -2.94 7.26 -12.81
C ALA A 61 -3.88 6.80 -11.71
N SER A 62 -5.06 7.42 -11.65
CA SER A 62 -6.06 7.01 -10.68
C SER A 62 -7.43 7.47 -11.13
N PRO A 63 -8.50 6.88 -10.57
CA PRO A 63 -9.84 7.31 -10.95
C PRO A 63 -10.05 8.80 -10.74
N SER A 64 -9.53 9.34 -9.64
CA SER A 64 -9.77 10.74 -9.30
C SER A 64 -8.87 11.69 -10.08
N ALA A 65 -7.63 11.26 -10.33
CA ALA A 65 -6.63 12.14 -10.91
C ALA A 65 -6.51 12.02 -12.42
N GLY A 66 -6.93 10.88 -12.96
CA GLY A 66 -6.64 10.56 -14.35
C GLY A 66 -5.16 10.28 -14.46
N ALA A 67 -4.58 10.55 -15.63
CA ALA A 67 -3.16 10.30 -15.84
C ALA A 67 -2.27 11.22 -15.00
N LEU A 68 -1.33 10.62 -14.29
CA LEU A 68 -0.39 11.37 -13.45
C LEU A 68 1.00 11.42 -14.05
N ALA A 69 1.49 10.25 -14.47
CA ALA A 69 2.86 10.15 -14.99
C ALA A 69 3.02 8.89 -15.82
N THR A 70 3.93 8.94 -16.79
CA THR A 70 4.19 7.81 -17.69
CA THR A 70 4.15 7.79 -17.66
C THR A 70 4.90 6.67 -16.95
N ILE A 71 5.81 7.05 -16.06
CA ILE A 71 6.68 6.11 -15.33
C ILE A 71 7.15 4.95 -16.22
N ALA A 72 7.92 5.28 -17.24
CA ALA A 72 8.50 4.28 -18.11
C ALA A 72 9.51 3.39 -17.36
N ASP A 73 10.02 3.90 -16.23
CA ASP A 73 11.07 3.19 -15.50
C ASP A 73 10.77 3.21 -14.00
N PRO A 74 9.84 2.36 -13.56
CA PRO A 74 9.46 2.38 -12.15
C PRO A 74 10.61 2.02 -11.22
N ALA A 75 11.51 1.16 -11.67
CA ALA A 75 12.68 0.83 -10.85
C ALA A 75 13.51 2.07 -10.55
N LYS A 76 13.75 2.89 -11.56
CA LYS A 76 14.53 4.11 -11.38
C LYS A 76 13.84 5.10 -10.45
N LEU A 77 12.51 5.19 -10.57
CA LEU A 77 11.73 6.01 -9.66
C LEU A 77 11.89 5.52 -8.21
N ALA A 78 11.76 4.21 -8.02
CA ALA A 78 11.89 3.62 -6.69
C ALA A 78 13.29 3.83 -6.11
N GLN A 79 14.30 3.77 -6.97
CA GLN A 79 15.67 4.04 -6.54
C GLN A 79 15.80 5.47 -6.02
N ALA A 80 15.16 6.41 -6.70
CA ALA A 80 15.17 7.79 -6.25
C ALA A 80 14.47 7.88 -4.91
N TYR A 81 13.38 7.14 -4.77
CA TYR A 81 12.65 7.12 -3.51
C TYR A 81 13.55 6.67 -2.37
N GLN A 82 14.26 5.56 -2.57
CA GLN A 82 15.15 5.07 -1.52
C GLN A 82 16.28 6.05 -1.23
N ASP A 83 16.86 6.62 -2.28
CA ASP A 83 17.92 7.63 -2.14
C ASP A 83 17.45 8.81 -1.29
N GLY A 84 16.18 9.17 -1.41
CA GLY A 84 15.62 10.28 -0.66
C GLY A 84 15.27 9.95 0.78
N GLY A 85 15.37 8.66 1.14
CA GLY A 85 15.13 8.24 2.51
C GLY A 85 13.78 7.59 2.74
N ALA A 86 13.08 7.24 1.67
CA ALA A 86 11.77 6.58 1.83
C ALA A 86 11.91 5.32 2.68
N ARG A 87 10.90 5.03 3.48
CA ARG A 87 10.92 3.88 4.39
C ARG A 87 10.44 2.62 3.68
N ILE A 88 9.45 2.80 2.80
CA ILE A 88 8.84 1.70 2.07
C ILE A 88 8.45 2.25 0.71
N VAL A 89 8.50 1.42 -0.33
CA VAL A 89 7.97 1.82 -1.62
CA VAL A 89 7.97 1.83 -1.62
C VAL A 89 6.64 1.11 -1.86
N SER A 90 5.61 1.88 -2.18
CA SER A 90 4.31 1.34 -2.55
C SER A 90 4.23 1.24 -4.06
N VAL A 91 3.79 0.09 -4.56
CA VAL A 91 3.66 -0.09 -5.99
C VAL A 91 2.21 -0.47 -6.33
N VAL A 92 1.53 0.41 -7.08
CA VAL A 92 0.17 0.12 -7.52
C VAL A 92 0.21 -0.88 -8.65
N THR A 93 -0.54 -1.97 -8.51
CA THR A 93 -0.51 -3.03 -9.52
C THR A 93 -1.86 -3.24 -10.22
N GLU A 94 -2.83 -2.38 -9.93
CA GLU A 94 -4.13 -2.45 -10.59
C GLU A 94 -4.03 -1.80 -11.97
N GLN A 95 -4.50 -2.50 -13.00
CA GLN A 95 -4.25 -2.10 -14.38
C GLN A 95 -5.31 -1.20 -15.02
N ARG A 96 -6.58 -1.48 -14.74
CA ARG A 96 -7.65 -0.80 -15.47
C ARG A 96 -7.81 0.68 -15.11
N ARG A 97 -7.68 1.02 -13.84
CA ARG A 97 -7.93 2.39 -13.37
C ARG A 97 -6.65 3.11 -12.96
N PHE A 98 -5.61 2.35 -12.65
CA PHE A 98 -4.35 2.95 -12.20
C PHE A 98 -3.17 2.72 -13.15
N GLN A 99 -3.40 1.92 -14.20
CA GLN A 99 -2.37 1.65 -15.19
C GLN A 99 -1.08 1.07 -14.57
N GLY A 100 -1.23 0.27 -13.52
CA GLY A 100 -0.10 -0.42 -12.93
C GLY A 100 -0.10 -1.89 -13.31
N SER A 101 0.96 -2.60 -12.95
CA SER A 101 1.04 -4.02 -13.21
C SER A 101 2.02 -4.72 -12.27
N LEU A 102 1.93 -6.04 -12.22
CA LEU A 102 2.88 -6.81 -11.44
C LEU A 102 4.32 -6.63 -11.96
N ASP A 103 4.45 -6.33 -13.25
CA ASP A 103 5.79 -6.06 -13.79
C ASP A 103 6.45 -4.89 -13.07
N ASP A 104 5.65 -3.93 -12.63
CA ASP A 104 6.19 -2.78 -11.89
C ASP A 104 6.72 -3.25 -10.55
N LEU A 105 6.01 -4.18 -9.92
CA LEU A 105 6.41 -4.74 -8.64
C LEU A 105 7.74 -5.49 -8.77
N ASP A 106 7.87 -6.29 -9.82
CA ASP A 106 9.13 -6.99 -10.08
C ASP A 106 10.29 -6.01 -10.24
N ALA A 107 10.06 -4.96 -11.03
CA ALA A 107 11.09 -3.98 -11.33
C ALA A 107 11.56 -3.30 -10.06
N VAL A 108 10.60 -2.86 -9.27
CA VAL A 108 10.90 -2.18 -8.02
C VAL A 108 11.61 -3.09 -7.03
N ARG A 109 11.11 -4.32 -6.86
CA ARG A 109 11.73 -5.27 -5.92
C ARG A 109 13.21 -5.48 -6.24
N ALA A 110 13.54 -5.57 -7.52
CA ALA A 110 14.91 -5.82 -7.94
C ALA A 110 15.81 -4.60 -7.76
N SER A 111 15.22 -3.42 -7.58
CA SER A 111 15.97 -2.17 -7.58
CA SER A 111 16.00 -2.19 -7.58
C SER A 111 16.21 -1.55 -6.21
N VAL A 112 15.43 -1.95 -5.21
CA VAL A 112 15.56 -1.34 -3.88
C VAL A 112 15.71 -2.37 -2.77
N SER A 113 16.27 -1.91 -1.65
CA SER A 113 16.49 -2.75 -0.48
C SER A 113 15.39 -2.57 0.55
N ILE A 114 14.66 -1.45 0.47
CA ILE A 114 13.59 -1.18 1.41
C ILE A 114 12.38 -2.07 1.13
N PRO A 115 11.49 -2.22 2.12
CA PRO A 115 10.32 -3.06 1.91
C PRO A 115 9.42 -2.53 0.80
N VAL A 116 8.66 -3.42 0.18
CA VAL A 116 7.79 -3.07 -0.92
C VAL A 116 6.35 -3.43 -0.56
N LEU A 117 5.46 -2.46 -0.73
CA LEU A 117 4.04 -2.66 -0.47
C LEU A 117 3.33 -2.88 -1.81
N ARG A 118 2.57 -3.97 -1.94
CA ARG A 118 1.72 -4.11 -3.11
C ARG A 118 0.40 -3.40 -2.86
N LYS A 119 0.14 -2.38 -3.66
CA LYS A 119 -1.05 -1.56 -3.52
C LYS A 119 -2.04 -1.96 -4.61
N ASP A 120 -3.08 -2.70 -4.23
CA ASP A 120 -4.04 -3.19 -5.19
C ASP A 120 -5.30 -3.50 -4.43
N PHE A 121 -6.25 -4.12 -5.11
CA PHE A 121 -7.53 -4.43 -4.49
C PHE A 121 -7.59 -5.92 -4.24
N VAL A 122 -7.14 -6.34 -3.06
CA VAL A 122 -7.06 -7.75 -2.73
C VAL A 122 -8.41 -8.29 -2.30
N VAL A 123 -8.94 -9.23 -3.07
CA VAL A 123 -10.24 -9.81 -2.74
C VAL A 123 -10.23 -11.32 -2.63
N GLN A 124 -9.15 -11.95 -3.11
CA GLN A 124 -9.06 -13.41 -3.00
C GLN A 124 -7.63 -13.89 -2.75
N PRO A 125 -7.49 -15.08 -2.18
CA PRO A 125 -6.20 -15.65 -1.77
C PRO A 125 -5.13 -15.68 -2.86
N TYR A 126 -5.54 -15.91 -4.10
CA TYR A 126 -4.59 -15.94 -5.21
C TYR A 126 -3.69 -14.72 -5.20
N GLN A 127 -4.28 -13.55 -4.96
CA GLN A 127 -3.53 -12.30 -5.02
C GLN A 127 -2.52 -12.19 -3.91
N ILE A 128 -2.76 -12.88 -2.81
CA ILE A 128 -1.85 -12.83 -1.67
C ILE A 128 -0.57 -13.62 -1.99
N HIS A 129 -0.73 -14.86 -2.42
CA HIS A 129 0.43 -15.66 -2.85
C HIS A 129 1.12 -15.00 -4.02
N GLU A 130 0.34 -14.43 -4.92
CA GLU A 130 0.86 -13.67 -6.05
C GLU A 130 1.75 -12.52 -5.59
N ALA A 131 1.30 -11.76 -4.59
CA ALA A 131 2.08 -10.65 -4.06
C ALA A 131 3.42 -11.15 -3.54
N ARG A 132 3.38 -12.23 -2.77
CA ARG A 132 4.57 -12.77 -2.14
C ARG A 132 5.54 -13.29 -3.21
N ALA A 133 4.99 -13.96 -4.22
CA ALA A 133 5.81 -14.52 -5.29
C ALA A 133 6.58 -13.42 -6.00
N HIS A 134 5.98 -12.24 -6.08
CA HIS A 134 6.58 -11.12 -6.79
C HIS A 134 7.37 -10.19 -5.86
N GLY A 135 7.54 -10.60 -4.62
CA GLY A 135 8.48 -9.94 -3.72
C GLY A 135 7.91 -8.91 -2.77
N ALA A 136 6.58 -8.82 -2.69
CA ALA A 136 5.96 -7.89 -1.77
C ALA A 136 6.26 -8.27 -0.33
N ASP A 137 6.54 -7.28 0.51
CA ASP A 137 6.72 -7.51 1.95
C ASP A 137 5.47 -7.09 2.69
N MET A 138 4.72 -6.17 2.09
CA MET A 138 3.54 -5.61 2.70
C MET A 138 2.41 -5.67 1.67
N LEU A 139 1.18 -5.86 2.14
CA LEU A 139 0.04 -6.00 1.24
C LEU A 139 -1.14 -5.17 1.74
N LEU A 140 -1.75 -4.40 0.86
CA LEU A 140 -2.91 -3.59 1.21
C LEU A 140 -4.16 -4.46 1.31
N LEU A 141 -4.92 -4.29 2.40
CA LEU A 141 -6.25 -4.88 2.53
C LEU A 141 -7.20 -3.73 2.82
N ILE A 142 -8.34 -3.69 2.12
CA ILE A 142 -9.24 -2.54 2.21
C ILE A 142 -10.52 -2.96 2.92
N VAL A 143 -10.75 -2.43 4.12
CA VAL A 143 -11.89 -2.82 4.92
C VAL A 143 -13.21 -2.56 4.18
N ALA A 144 -13.29 -1.45 3.46
CA ALA A 144 -14.49 -1.12 2.68
C ALA A 144 -14.80 -2.16 1.61
N ALA A 145 -13.79 -2.90 1.17
CA ALA A 145 -13.94 -3.85 0.09
C ALA A 145 -14.26 -5.27 0.55
N LEU A 146 -14.08 -5.52 1.85
CA LEU A 146 -14.12 -6.89 2.34
C LEU A 146 -15.09 -7.08 3.51
N GLU A 147 -15.97 -8.06 3.36
CA GLU A 147 -16.80 -8.53 4.47
C GLU A 147 -15.87 -9.02 5.58
N GLN A 148 -16.28 -8.84 6.83
CA GLN A 148 -15.43 -9.18 7.97
C GLN A 148 -14.79 -10.58 7.90
N SER A 149 -15.58 -11.59 7.55
CA SER A 149 -15.00 -12.93 7.50
C SER A 149 -13.91 -13.04 6.44
N VAL A 150 -14.11 -12.34 5.32
CA VAL A 150 -13.13 -12.31 4.24
C VAL A 150 -11.88 -11.55 4.67
N LEU A 151 -12.10 -10.40 5.31
CA LEU A 151 -10.99 -9.58 5.79
C LEU A 151 -10.10 -10.38 6.75
N VAL A 152 -10.73 -11.08 7.68
CA VAL A 152 -10.00 -11.88 8.65
C VAL A 152 -9.21 -12.98 7.93
N SER A 153 -9.86 -13.63 6.96
CA SER A 153 -9.22 -14.67 6.18
C SER A 153 -8.01 -14.13 5.40
N MET A 154 -8.21 -13.02 4.70
CA MET A 154 -7.14 -12.40 3.91
C MET A 154 -5.98 -11.96 4.81
N LEU A 155 -6.30 -11.38 5.97
CA LEU A 155 -5.26 -10.94 6.88
CA LEU A 155 -5.27 -10.94 6.90
C LEU A 155 -4.45 -12.11 7.42
N ASP A 156 -5.14 -13.19 7.79
CA ASP A 156 -4.46 -14.38 8.30
C ASP A 156 -3.51 -14.97 7.26
N ARG A 157 -3.97 -15.09 6.03
CA ARG A 157 -3.15 -15.66 4.97
C ARG A 157 -1.94 -14.77 4.68
N THR A 158 -2.16 -13.45 4.65
CA THR A 158 -1.07 -12.49 4.47
C THR A 158 0.04 -12.72 5.50
N GLU A 159 -0.34 -12.78 6.78
CA GLU A 159 0.64 -12.96 7.83
C GLU A 159 1.28 -14.34 7.82
N SER A 160 0.54 -15.34 7.36
CA SER A 160 1.05 -16.71 7.29
C SER A 160 2.22 -16.81 6.32
N LEU A 161 2.26 -15.89 5.35
CA LEU A 161 3.36 -15.83 4.39
C LEU A 161 4.48 -14.89 4.84
N GLY A 162 4.33 -14.32 6.02
CA GLY A 162 5.36 -13.47 6.59
C GLY A 162 5.20 -12.00 6.21
N MET A 163 4.14 -11.69 5.47
CA MET A 163 3.92 -10.32 5.04
C MET A 163 3.11 -9.55 6.07
N THR A 164 3.25 -8.23 6.05
CA THR A 164 2.48 -7.36 6.93
C THR A 164 1.31 -6.79 6.14
N ALA A 165 0.12 -6.80 6.74
CA ALA A 165 -1.03 -6.19 6.09
C ALA A 165 -1.15 -4.73 6.47
N LEU A 166 -1.30 -3.88 5.45
CA LEU A 166 -1.66 -2.49 5.65
C LEU A 166 -3.17 -2.47 5.53
N VAL A 167 -3.85 -2.38 6.67
CA VAL A 167 -5.30 -2.47 6.67
C VAL A 167 -5.90 -1.08 6.60
N GLU A 168 -6.53 -0.78 5.46
CA GLU A 168 -7.02 0.56 5.14
C GLU A 168 -8.45 0.78 5.58
N VAL A 169 -8.68 1.88 6.30
CA VAL A 169 -10.00 2.22 6.81
C VAL A 169 -10.33 3.67 6.45
N HIS A 170 -11.60 3.99 6.46
CA HIS A 170 -12.05 5.33 6.17
C HIS A 170 -12.95 5.88 7.23
N THR A 171 -13.38 5.05 8.15
CA THR A 171 -14.28 5.46 9.20
C THR A 171 -13.83 4.82 10.52
N GLU A 172 -14.33 5.37 11.61
CA GLU A 172 -14.10 4.76 12.90
C GLU A 172 -14.61 3.34 12.99
N GLN A 173 -15.79 3.11 12.42
CA GLN A 173 -16.35 1.80 12.45
C GLN A 173 -15.49 0.80 11.67
N GLU A 174 -14.96 1.25 10.56
CA GLU A 174 -14.03 0.40 9.82
C GLU A 174 -12.75 0.15 10.63
N ALA A 175 -12.29 1.17 11.35
CA ALA A 175 -11.14 0.99 12.22
C ALA A 175 -11.43 -0.08 13.28
N ASP A 176 -12.62 -0.03 13.86
CA ASP A 176 -13.02 -1.03 14.84
C ASP A 176 -13.00 -2.45 14.24
N ARG A 177 -13.53 -2.58 13.03
CA ARG A 177 -13.52 -3.86 12.31
C ARG A 177 -12.09 -4.34 12.08
N ALA A 178 -11.22 -3.42 11.66
CA ALA A 178 -9.84 -3.77 11.40
C ALA A 178 -9.15 -4.31 12.65
N LEU A 179 -9.38 -3.67 13.78
CA LEU A 179 -8.78 -4.11 15.04
C LEU A 179 -9.27 -5.51 15.40
N LYS A 180 -10.58 -5.73 15.25
CA LYS A 180 -11.15 -7.03 15.56
CA LYS A 180 -11.14 -7.04 15.56
C LYS A 180 -10.57 -8.13 14.66
N ALA A 181 -10.22 -7.76 13.44
CA ALA A 181 -9.66 -8.72 12.50
C ALA A 181 -8.21 -9.06 12.84
N GLY A 182 -7.60 -8.26 13.70
CA GLY A 182 -6.23 -8.51 14.13
C GLY A 182 -5.20 -7.60 13.49
N ALA A 183 -5.66 -6.51 12.89
CA ALA A 183 -4.75 -5.56 12.24
C ALA A 183 -3.68 -5.06 13.20
N LYS A 184 -2.45 -4.98 12.70
CA LYS A 184 -1.33 -4.47 13.48
C LYS A 184 -0.86 -3.15 12.90
N VAL A 185 -1.29 -2.89 11.67
CA VAL A 185 -1.01 -1.63 10.97
C VAL A 185 -2.30 -1.15 10.34
N ILE A 186 -2.72 0.07 10.70
CA ILE A 186 -3.94 0.64 10.16
C ILE A 186 -3.64 1.92 9.40
N GLY A 187 -4.09 1.96 8.16
CA GLY A 187 -3.94 3.15 7.34
C GLY A 187 -5.29 3.83 7.19
N VAL A 188 -5.28 5.16 7.19
CA VAL A 188 -6.51 5.92 7.01
C VAL A 188 -6.51 6.59 5.65
N ASN A 189 -7.46 6.20 4.82
CA ASN A 189 -7.62 6.85 3.52
C ASN A 189 -8.68 7.92 3.65
N ALA A 190 -8.27 9.16 3.41
CA ALA A 190 -9.18 10.30 3.48
C ALA A 190 -10.21 10.28 2.36
N ARG A 191 -9.94 9.49 1.33
CA ARG A 191 -10.86 9.36 0.21
C ARG A 191 -11.89 8.26 0.46
N ASP A 192 -13.14 8.53 0.20
CA ASP A 192 -14.21 7.54 0.25
C ASP A 192 -14.18 6.82 -1.09
N LEU A 193 -13.96 5.51 -1.10
CA LEU A 193 -13.77 4.80 -2.35
C LEU A 193 -15.07 4.55 -3.06
N MET A 194 -16.16 4.74 -2.35
CA MET A 194 -17.45 4.57 -2.93
C MET A 194 -17.80 5.69 -3.86
N THR A 195 -17.35 6.88 -3.52
CA THR A 195 -17.68 8.08 -4.25
C THR A 195 -16.51 8.92 -4.66
N LEU A 196 -15.36 8.73 -4.05
CA LEU A 196 -14.13 9.50 -4.33
C LEU A 196 -13.85 10.88 -3.67
N ASP A 197 -14.51 11.24 -2.56
CA ASP A 197 -14.48 12.49 -1.81
C ASP A 197 -13.32 12.50 -0.82
N ARG A 200 -14.48 14.13 4.81
CA ARG A 200 -13.53 13.76 5.83
C ARG A 200 -12.87 14.87 6.65
N ASP A 201 -11.68 14.56 7.17
CA ASP A 201 -11.03 15.20 8.30
C ASP A 201 -10.58 13.96 9.08
N CYS A 202 -10.29 12.93 8.30
CA CYS A 202 -10.30 11.53 8.73
C CYS A 202 -9.28 11.06 9.73
N PHE A 203 -8.00 11.21 9.39
CA PHE A 203 -6.95 10.63 10.22
C PHE A 203 -7.07 11.17 11.65
N ALA A 204 -7.29 12.48 11.78
CA ALA A 204 -7.36 13.12 13.08
C ALA A 204 -8.53 12.60 13.92
N ARG A 205 -9.66 12.36 13.26
CA ARG A 205 -10.84 11.83 13.94
C ARG A 205 -10.65 10.37 14.38
N ILE A 206 -9.95 9.60 13.55
CA ILE A 206 -9.84 8.16 13.75
C ILE A 206 -8.61 7.72 14.56
N ALA A 207 -7.47 8.36 14.29
CA ALA A 207 -6.21 7.95 14.89
C ALA A 207 -6.20 7.82 16.41
N PRO A 208 -6.74 8.82 17.13
CA PRO A 208 -6.69 8.80 18.60
C PRO A 208 -7.31 7.55 19.20
N GLY A 209 -8.30 6.97 18.53
CA GLY A 209 -9.03 5.83 19.05
C GLY A 209 -8.31 4.50 18.97
N LEU A 210 -7.18 4.47 18.26
CA LEU A 210 -6.45 3.22 18.05
C LEU A 210 -5.53 2.90 19.23
N PRO A 211 -5.41 1.60 19.58
CA PRO A 211 -4.48 1.19 20.63
C PRO A 211 -3.08 1.65 20.28
N SER A 212 -2.31 2.06 21.29
CA SER A 212 -0.98 2.62 21.03
C SER A 212 -0.07 1.65 20.29
N SER A 213 -0.31 0.36 20.47
CA SER A 213 0.56 -0.67 19.90
C SER A 213 0.40 -0.77 18.39
N VAL A 214 -0.73 -0.32 17.87
CA VAL A 214 -1.01 -0.38 16.43
C VAL A 214 -0.34 0.77 15.69
N ILE A 215 0.33 0.45 14.57
CA ILE A 215 1.00 1.46 13.78
C ILE A 215 -0.04 2.23 12.96
N ARG A 216 0.06 3.55 12.95
CA ARG A 216 -0.92 4.39 12.26
C ARG A 216 -0.30 5.03 11.03
N ILE A 217 -0.99 4.89 9.90
CA ILE A 217 -0.50 5.45 8.65
C ILE A 217 -1.55 6.37 8.04
N ALA A 218 -1.14 7.57 7.65
CA ALA A 218 -2.00 8.46 6.89
C ALA A 218 -1.78 8.22 5.41
N GLU A 219 -2.82 7.81 4.69
CA GLU A 219 -2.65 7.28 3.34
C GLU A 219 -2.85 8.24 2.18
N SER A 220 -3.30 9.46 2.46
CA SER A 220 -3.58 10.38 1.36
C SER A 220 -3.46 11.85 1.76
N GLY A 221 -3.45 12.71 0.75
CA GLY A 221 -3.50 14.15 0.96
C GLY A 221 -2.19 14.83 1.34
N VAL A 222 -1.06 14.15 1.13
CA VAL A 222 0.22 14.77 1.49
C VAL A 222 0.80 15.56 0.31
N ARG A 223 0.74 16.88 0.41
CA ARG A 223 1.16 17.76 -0.67
C ARG A 223 2.52 18.39 -0.38
N GLY A 224 3.01 18.22 0.84
CA GLY A 224 4.24 18.86 1.26
C GLY A 224 4.46 18.61 2.73
N THR A 225 5.47 19.26 3.31
CA THR A 225 5.80 18.96 4.71
C THR A 225 4.67 19.33 5.66
N ALA A 226 3.94 20.40 5.37
CA ALA A 226 2.89 20.84 6.28
C ALA A 226 1.87 19.73 6.52
N ASP A 227 1.47 19.05 5.44
CA ASP A 227 0.49 17.97 5.56
C ASP A 227 1.08 16.80 6.36
N LEU A 228 2.32 16.45 6.07
CA LEU A 228 2.97 15.36 6.79
C LEU A 228 3.02 15.69 8.28
N LEU A 229 3.42 16.91 8.60
CA LEU A 229 3.55 17.32 9.99
C LEU A 229 2.20 17.33 10.71
N ALA A 230 1.14 17.73 10.00
CA ALA A 230 -0.19 17.71 10.60
C ALA A 230 -0.59 16.28 10.95
N TYR A 231 -0.30 15.33 10.06
CA TYR A 231 -0.59 13.93 10.33
C TYR A 231 0.24 13.44 11.52
N ALA A 232 1.52 13.82 11.53
CA ALA A 232 2.41 13.45 12.63
C ALA A 232 1.89 13.96 13.96
N GLY A 233 1.40 15.19 13.97
CA GLY A 233 0.88 15.78 15.20
C GLY A 233 -0.36 15.07 15.67
N ALA A 234 -1.04 14.39 14.75
CA ALA A 234 -2.24 13.63 15.09
C ALA A 234 -1.91 12.16 15.36
N GLY A 235 -0.62 11.84 15.36
CA GLY A 235 -0.16 10.52 15.78
C GLY A 235 0.20 9.55 14.68
N ALA A 236 0.37 10.04 13.45
CA ALA A 236 0.83 9.16 12.38
C ALA A 236 2.25 8.66 12.63
N ASP A 237 2.48 7.37 12.36
CA ASP A 237 3.81 6.79 12.42
C ASP A 237 4.48 6.86 11.07
N ALA A 238 3.66 6.94 10.02
CA ALA A 238 4.14 7.03 8.66
C ALA A 238 3.07 7.65 7.80
N VAL A 239 3.46 8.15 6.64
CA VAL A 239 2.51 8.67 5.67
C VAL A 239 2.80 8.08 4.29
N LEU A 240 1.76 7.91 3.50
CA LEU A 240 1.90 7.41 2.13
C LEU A 240 1.72 8.58 1.17
N VAL A 241 2.62 8.69 0.20
CA VAL A 241 2.62 9.82 -0.71
C VAL A 241 2.84 9.32 -2.13
N GLY A 242 1.92 9.70 -3.03
CA GLY A 242 1.96 9.25 -4.41
C GLY A 242 1.94 10.40 -5.41
N GLU A 243 0.79 11.07 -5.51
CA GLU A 243 0.61 12.09 -6.54
C GLU A 243 1.76 13.10 -6.58
N GLY A 244 2.16 13.59 -5.42
CA GLY A 244 3.14 14.65 -5.34
C GLY A 244 4.55 14.19 -5.70
N LEU A 245 4.76 12.88 -5.65
CA LEU A 245 6.07 12.31 -5.96
C LEU A 245 6.20 11.86 -7.40
N VAL A 246 5.17 11.20 -7.93
CA VAL A 246 5.26 10.68 -9.29
C VAL A 246 5.23 11.79 -10.32
N THR A 247 4.73 12.96 -9.93
CA THR A 247 4.65 14.09 -10.82
C THR A 247 5.83 15.04 -10.63
N SER A 248 6.74 14.67 -9.74
CA SER A 248 7.91 15.50 -9.47
C SER A 248 9.00 15.33 -10.52
N GLY A 249 9.68 16.43 -10.84
CA GLY A 249 10.87 16.36 -11.69
C GLY A 249 12.09 15.90 -10.93
N ASP A 250 11.95 15.82 -9.61
CA ASP A 250 13.08 15.51 -8.74
C ASP A 250 12.59 14.69 -7.55
N PRO A 251 12.14 13.45 -7.82
CA PRO A 251 11.54 12.61 -6.76
C PRO A 251 12.46 12.38 -5.57
N ARG A 252 13.76 12.25 -5.81
CA ARG A 252 14.69 12.06 -4.70
C ARG A 252 14.60 13.24 -3.74
N ALA A 253 14.64 14.45 -4.28
CA ALA A 253 14.62 15.65 -3.45
C ALA A 253 13.27 15.85 -2.78
N ALA A 254 12.19 15.55 -3.52
CA ALA A 254 10.86 15.66 -2.96
C ALA A 254 10.67 14.71 -1.78
N VAL A 255 11.20 13.50 -1.90
CA VAL A 255 11.12 12.55 -0.79
C VAL A 255 11.98 12.98 0.39
N ALA A 256 13.20 13.45 0.11
CA ALA A 256 14.09 13.91 1.17
C ALA A 256 13.44 15.05 1.96
N ASP A 257 12.72 15.93 1.27
CA ASP A 257 12.05 17.04 1.91
C ASP A 257 11.03 16.53 2.92
N LEU A 258 10.25 15.53 2.51
CA LEU A 258 9.24 14.95 3.40
C LEU A 258 9.89 14.15 4.54
N VAL A 259 10.94 13.41 4.22
CA VAL A 259 11.63 12.61 5.22
C VAL A 259 12.19 13.47 6.34
N THR A 260 12.67 14.66 6.00
CA THR A 260 13.26 15.55 6.99
C THR A 260 12.26 16.60 7.47
N ALA A 261 10.98 16.39 7.19
CA ALA A 261 9.94 17.34 7.62
C ALA A 261 9.99 17.63 9.11
N GLY A 262 9.96 18.92 9.45
CA GLY A 262 9.95 19.33 10.85
C GLY A 262 11.33 19.67 11.34
N THR A 263 12.32 19.57 10.47
CA THR A 263 13.70 19.93 10.82
C THR A 263 14.16 21.14 10.03
#